data_9VOL
#
_entry.id   9VOL
#
_cell.length_a   154.630
_cell.length_b   41.600
_cell.length_c   42.090
_cell.angle_alpha   90.000
_cell.angle_beta   96.236
_cell.angle_gamma   90.000
#
_symmetry.space_group_name_H-M   'C 1 2 1'
#
loop_
_entity.id
_entity.type
_entity.pdbx_description
1 polymer 'Vitamin D3 receptor'
2 polymer 'Mediator of RNA polymerase II transcription subunit 1'
3 non-polymer '4-[4-{7-(4-(1,1,1,3,3,3-hexafluoro-2-hydroxypropan-2-yl)phenyl)-1,7-dicarba-closo-dodecaboran-1-yl}-2-methylphenoxy]butyric acid'
4 water water
#
loop_
_entity_poly.entity_id
_entity_poly.type
_entity_poly.pdbx_seq_one_letter_code
_entity_poly.pdbx_strand_id
1 'polypeptide(L)'
;GSHMGSPNSPLKDSLRPKLSEEQQHIIAILLDAHHKTYDPTYADFRDFRPPVRMDGSTGSVTLDLSPLSMLPHLADLVSY
SIQKVIGFAKMIPGFRDLTSDDQIVLLKSSAIEVIMLRSNQSFTMDDMSWDCGSQDYKYDVTDVSKAGHTLELIEPLIKF
QVGLKKLNLHEEEHVLLMAICIVSPDRPGVQDAKLVEAIQDRLSNTLQTYIRCRHPPPGSHQLYAKMIQKLADLRSLNEE
HSKQYRSLSFQPENSMKLTPLVLEVFGNEIS
;
A
2 'polypeptide(L)' KNHPMLMNLLKDN C
#
loop_
_chem_comp.id
_chem_comp.type
_chem_comp.name
_chem_comp.formula
A1MAU non-polymer '4-[4-{7-(4-(1,1,1,3,3,3-hexafluoro-2-hydroxypropan-2-yl)phenyl)-1,7-dicarba-closo-dodecaboran-1-yl}-2-methylphenoxy]butyric acid' 'C22 H28 B10 F6 O4'
#
# COMPACT_ATOMS: atom_id res chain seq x y z
N LYS A 18 -28.16 6.38 0.24
CA LYS A 18 -27.87 7.67 0.90
C LYS A 18 -26.58 7.66 1.72
N LEU A 19 -25.65 8.54 1.36
CA LEU A 19 -24.38 8.68 2.09
C LEU A 19 -24.66 9.41 3.40
N SER A 20 -24.59 8.70 4.51
CA SER A 20 -24.91 9.28 5.81
C SER A 20 -23.87 10.32 6.21
N GLU A 21 -24.19 11.11 7.23
CA GLU A 21 -23.24 12.10 7.71
C GLU A 21 -21.97 11.44 8.23
N GLU A 22 -22.12 10.34 8.96
CA GLU A 22 -20.96 9.58 9.42
C GLU A 22 -20.11 9.10 8.25
N GLN A 23 -20.75 8.64 7.17
CA GLN A 23 -19.99 8.13 6.03
C GLN A 23 -19.24 9.25 5.33
N GLN A 24 -19.87 10.42 5.19
CA GLN A 24 -19.17 11.58 4.66
C GLN A 24 -18.01 11.99 5.57
N HIS A 25 -18.20 11.86 6.89
CA HIS A 25 -17.12 12.17 7.83
C HIS A 25 -15.93 11.25 7.62
N ILE A 26 -16.20 9.94 7.51
CA ILE A 26 -15.15 8.95 7.31
C ILE A 26 -14.35 9.27 6.05
N ILE A 27 -15.04 9.60 4.96
CA ILE A 27 -14.35 9.93 3.71
C ILE A 27 -13.47 11.16 3.90
N ALA A 28 -13.99 12.18 4.58
CA ALA A 28 -13.21 13.39 4.81
C ALA A 28 -11.95 13.10 5.61
N ILE A 29 -12.07 12.26 6.65
CA ILE A 29 -10.91 11.88 7.47
C ILE A 29 -9.85 11.20 6.62
N LEU A 30 -10.27 10.27 5.75
CA LEU A 30 -9.32 9.47 5.00
C LEU A 30 -8.67 10.29 3.88
N LEU A 31 -9.43 11.18 3.26
CA LEU A 31 -8.83 12.10 2.30
C LEU A 31 -7.75 12.95 2.96
N ASP A 32 -8.05 13.50 4.14
CA ASP A 32 -7.07 14.32 4.85
C ASP A 32 -5.87 13.50 5.28
N ALA A 33 -6.09 12.27 5.78
CA ALA A 33 -4.98 11.41 6.18
C ALA A 33 -4.05 11.14 5.01
N HIS A 34 -4.62 10.85 3.84
CA HIS A 34 -3.80 10.63 2.65
C HIS A 34 -3.02 11.89 2.30
N HIS A 35 -3.68 13.05 2.33
N HIS A 35 -3.69 13.05 2.32
CA HIS A 35 -2.99 14.28 1.98
CA HIS A 35 -3.00 14.30 2.00
C HIS A 35 -1.85 14.60 2.95
C HIS A 35 -1.83 14.54 2.94
N LYS A 36 -1.98 14.18 4.21
CA LYS A 36 -0.94 14.41 5.20
C LYS A 36 0.19 13.37 5.14
N THR A 37 0.00 12.27 4.41
CA THR A 37 1.00 11.20 4.35
C THR A 37 1.45 10.88 2.93
N TYR A 38 1.07 11.68 1.94
CA TYR A 38 1.52 11.48 0.56
C TYR A 38 1.91 12.85 0.00
N ASP A 39 3.22 13.03 -0.23
CA ASP A 39 3.76 14.27 -0.74
C ASP A 39 3.92 14.14 -2.26
N PRO A 40 3.01 14.72 -3.06
CA PRO A 40 3.11 14.57 -4.51
C PRO A 40 4.27 15.34 -5.14
N THR A 41 5.07 16.07 -4.36
CA THR A 41 6.28 16.67 -4.90
C THR A 41 7.51 15.78 -4.77
N TYR A 42 7.42 14.69 -3.99
CA TYR A 42 8.51 13.72 -3.85
C TYR A 42 9.79 14.36 -3.31
N ALA A 43 9.63 15.43 -2.53
CA ALA A 43 10.78 16.21 -2.06
C ALA A 43 11.77 15.36 -1.28
N ASP A 44 11.27 14.45 -0.43
CA ASP A 44 12.15 13.69 0.45
C ASP A 44 13.03 12.69 -0.30
N PHE A 45 12.82 12.49 -1.60
CA PHE A 45 13.65 11.55 -2.35
C PHE A 45 15.12 11.94 -2.32
N ARG A 46 15.41 13.24 -2.11
CA ARG A 46 16.79 13.71 -1.95
C ARG A 46 17.54 12.96 -0.85
N ASP A 47 16.83 12.49 0.18
CA ASP A 47 17.44 11.86 1.33
C ASP A 47 17.84 10.41 1.07
N PHE A 48 17.28 9.79 0.04
CA PHE A 48 17.51 8.38 -0.22
C PHE A 48 18.91 8.16 -0.77
N ARG A 49 19.44 6.96 -0.54
CA ARG A 49 20.65 6.60 -1.27
C ARG A 49 20.38 6.67 -2.77
N PRO A 50 21.36 7.11 -3.56
CA PRO A 50 21.08 7.47 -4.95
C PRO A 50 20.72 6.25 -5.79
N PRO A 51 19.85 6.41 -6.77
CA PRO A 51 19.65 5.33 -7.73
C PRO A 51 20.89 5.15 -8.60
N VAL A 52 21.18 3.90 -8.94
CA VAL A 52 22.32 3.55 -9.78
C VAL A 52 21.81 2.62 -10.86
N ARG A 53 21.97 2.99 -12.12
CA ARG A 53 21.43 2.20 -13.22
C ARG A 53 22.48 1.83 -14.26
N PRO A 67 24.58 -7.68 -10.01
CA PRO A 67 24.62 -6.35 -9.42
C PRO A 67 23.22 -5.78 -9.20
N LEU A 68 22.82 -5.76 -7.93
CA LEU A 68 21.51 -5.22 -7.53
C LEU A 68 21.65 -3.74 -7.24
N SER A 69 21.94 -2.98 -8.30
CA SER A 69 22.35 -1.59 -8.16
C SER A 69 21.22 -0.66 -7.71
N MET A 70 19.96 -1.06 -7.89
CA MET A 70 18.85 -0.23 -7.43
C MET A 70 18.35 -0.61 -6.04
N LEU A 71 18.94 -1.63 -5.41
CA LEU A 71 18.40 -2.08 -4.13
C LEU A 71 18.54 -1.04 -3.03
N PRO A 72 19.68 -0.36 -2.85
CA PRO A 72 19.73 0.69 -1.82
C PRO A 72 18.66 1.77 -2.00
N HIS A 73 18.56 2.33 -3.21
CA HIS A 73 17.59 3.40 -3.45
C HIS A 73 16.16 2.92 -3.22
N LEU A 74 15.81 1.76 -3.78
CA LEU A 74 14.42 1.31 -3.66
C LEU A 74 14.13 0.78 -2.26
N ALA A 75 15.13 0.27 -1.55
CA ALA A 75 14.93 -0.05 -0.13
C ALA A 75 14.63 1.20 0.68
N ASP A 76 15.33 2.31 0.39
CA ASP A 76 15.05 3.58 1.06
C ASP A 76 13.65 4.09 0.70
N LEU A 77 13.27 3.98 -0.58
CA LEU A 77 11.93 4.38 -0.99
C LEU A 77 10.87 3.61 -0.23
N VAL A 78 11.03 2.29 -0.15
CA VAL A 78 10.04 1.46 0.53
C VAL A 78 10.00 1.78 2.01
N SER A 79 11.17 1.91 2.64
CA SER A 79 11.22 2.21 4.08
C SER A 79 10.51 3.52 4.38
N TYR A 80 10.76 4.54 3.54
CA TYR A 80 10.04 5.82 3.62
C TYR A 80 8.55 5.60 3.51
N SER A 81 8.13 4.81 2.53
CA SER A 81 6.71 4.60 2.30
C SER A 81 6.07 3.84 3.44
N ILE A 82 6.81 2.93 4.08
CA ILE A 82 6.27 2.24 5.25
C ILE A 82 5.90 3.25 6.33
N GLN A 83 6.81 4.20 6.60
CA GLN A 83 6.54 5.23 7.61
C GLN A 83 5.26 6.00 7.29
N LYS A 84 5.04 6.32 6.02
CA LYS A 84 3.86 7.09 5.62
C LYS A 84 2.60 6.25 5.72
N VAL A 85 2.70 4.96 5.37
CA VAL A 85 1.54 4.07 5.47
C VAL A 85 1.11 3.94 6.93
N ILE A 86 2.08 3.87 7.85
CA ILE A 86 1.73 3.84 9.27
C ILE A 86 1.01 5.12 9.68
N GLY A 87 1.48 6.27 9.19
CA GLY A 87 0.83 7.52 9.51
C GLY A 87 -0.61 7.56 9.01
N PHE A 88 -0.84 7.04 7.80
CA PHE A 88 -2.19 6.93 7.26
C PHE A 88 -3.03 5.99 8.11
N ALA A 89 -2.50 4.80 8.39
CA ALA A 89 -3.24 3.80 9.18
C ALA A 89 -3.75 4.39 10.49
N LYS A 90 -2.90 5.15 11.21
CA LYS A 90 -3.26 5.67 12.52
C LYS A 90 -4.50 6.56 12.46
N MET A 91 -4.81 7.12 11.29
CA MET A 91 -5.95 8.01 11.15
C MET A 91 -7.21 7.31 10.63
N ILE A 92 -7.14 6.03 10.27
CA ILE A 92 -8.35 5.32 9.84
C ILE A 92 -9.34 5.24 11.01
N PRO A 93 -10.60 5.65 10.83
CA PRO A 93 -11.56 5.59 11.94
C PRO A 93 -11.68 4.18 12.50
N GLY A 94 -11.45 4.06 13.81
CA GLY A 94 -11.54 2.80 14.52
C GLY A 94 -10.23 2.05 14.68
N PHE A 95 -9.21 2.39 13.87
CA PHE A 95 -7.93 1.65 13.93
C PHE A 95 -7.28 1.74 15.30
N ARG A 96 -7.41 2.91 15.95
CA ARG A 96 -6.80 3.16 17.28
C ARG A 96 -7.50 2.31 18.36
N ASP A 97 -8.70 1.81 18.09
CA ASP A 97 -9.43 1.02 19.07
C ASP A 97 -8.93 -0.43 19.13
N LEU A 98 -8.11 -0.84 18.16
CA LEU A 98 -7.46 -2.13 18.19
C LEU A 98 -6.32 -2.14 19.21
N THR A 99 -5.95 -3.35 19.64
CA THR A 99 -4.76 -3.51 20.46
C THR A 99 -3.51 -3.20 19.66
N SER A 100 -2.44 -2.88 20.40
CA SER A 100 -1.12 -2.69 19.81
C SER A 100 -0.71 -3.87 18.96
N ASP A 101 -0.92 -5.09 19.48
CA ASP A 101 -0.58 -6.30 18.73
C ASP A 101 -1.33 -6.36 17.41
N ASP A 102 -2.64 -6.13 17.44
CA ASP A 102 -3.44 -6.22 16.21
C ASP A 102 -3.06 -5.11 15.24
N GLN A 103 -2.77 -3.92 15.75
CA GLN A 103 -2.28 -2.86 14.86
C GLN A 103 -1.00 -3.27 14.17
N ILE A 104 -0.05 -3.86 14.92
CA ILE A 104 1.21 -4.27 14.32
C ILE A 104 0.99 -5.38 13.30
N VAL A 105 0.16 -6.37 13.65
CA VAL A 105 -0.08 -7.51 12.77
C VAL A 105 -0.70 -7.05 11.45
N LEU A 106 -1.68 -6.15 11.51
CA LEU A 106 -2.31 -5.65 10.29
C LEU A 106 -1.33 -4.86 9.44
N LEU A 107 -0.49 -4.05 10.08
CA LEU A 107 0.43 -3.24 9.31
C LEU A 107 1.54 -4.10 8.71
N LYS A 108 2.04 -5.08 9.46
CA LYS A 108 3.07 -5.98 8.91
C LYS A 108 2.56 -6.73 7.70
N SER A 109 1.33 -7.25 7.78
CA SER A 109 0.81 -8.07 6.69
C SER A 109 0.35 -7.24 5.50
N SER A 110 -0.15 -6.03 5.74
CA SER A 110 -0.67 -5.21 4.65
C SER A 110 0.37 -4.31 3.99
N ALA A 111 1.54 -4.10 4.62
CA ALA A 111 2.44 -3.04 4.22
C ALA A 111 2.75 -3.05 2.72
N ILE A 112 3.21 -4.20 2.20
CA ILE A 112 3.60 -4.24 0.79
C ILE A 112 2.39 -4.06 -0.12
N GLU A 113 1.21 -4.50 0.31
CA GLU A 113 0.00 -4.29 -0.49
C GLU A 113 -0.37 -2.81 -0.55
N VAL A 114 -0.37 -2.13 0.60
CA VAL A 114 -0.68 -0.71 0.58
C VAL A 114 0.38 0.06 -0.16
N ILE A 115 1.64 -0.36 -0.07
CA ILE A 115 2.68 0.34 -0.81
C ILE A 115 2.44 0.20 -2.32
N MET A 116 2.08 -1.01 -2.76
CA MET A 116 1.73 -1.20 -4.18
C MET A 116 0.50 -0.38 -4.58
N LEU A 117 -0.52 -0.33 -3.71
CA LEU A 117 -1.70 0.48 -4.04
C LEU A 117 -1.33 1.95 -4.08
N ARG A 118 -0.60 2.40 -3.06
CA ARG A 118 -0.17 3.78 -2.95
C ARG A 118 0.63 4.22 -4.17
N SER A 119 1.48 3.32 -4.68
CA SER A 119 2.33 3.64 -5.82
C SER A 119 1.54 3.87 -7.10
N ASN A 120 0.27 3.44 -7.15
CA ASN A 120 -0.50 3.56 -8.37
C ASN A 120 -0.75 5.01 -8.75
N GLN A 121 -0.58 5.92 -7.81
CA GLN A 121 -0.80 7.36 -8.07
C GLN A 121 0.26 7.84 -9.04
N SER A 122 1.51 7.40 -8.88
CA SER A 122 2.61 7.80 -9.75
C SER A 122 2.74 6.93 -10.99
N PHE A 123 2.10 5.78 -11.02
CA PHE A 123 2.16 4.90 -12.18
C PHE A 123 1.53 5.55 -13.40
N THR A 124 2.20 5.44 -14.55
CA THR A 124 1.64 5.91 -15.81
C THR A 124 1.56 4.76 -16.80
N MET A 125 0.40 4.62 -17.45
CA MET A 125 0.28 3.62 -18.49
C MET A 125 0.97 4.03 -19.77
N ASP A 126 1.40 5.29 -19.87
CA ASP A 126 1.99 5.75 -21.14
C ASP A 126 3.34 5.09 -21.39
N ASP A 127 4.13 4.79 -20.34
CA ASP A 127 5.25 3.90 -20.57
C ASP A 127 5.42 2.89 -19.42
N MET A 128 4.32 2.56 -18.74
CA MET A 128 4.29 1.48 -17.74
C MET A 128 5.39 1.64 -16.69
N SER A 129 5.42 2.83 -16.09
CA SER A 129 6.47 3.14 -15.13
C SER A 129 5.87 3.95 -13.98
N TRP A 130 6.59 3.96 -12.87
CA TRP A 130 6.21 4.75 -11.70
C TRP A 130 6.99 6.07 -11.80
N ASP A 131 6.29 7.13 -12.18
CA ASP A 131 6.94 8.41 -12.48
C ASP A 131 6.81 9.32 -11.27
N CYS A 132 7.95 9.55 -10.60
CA CYS A 132 7.99 10.31 -9.36
C CYS A 132 8.64 11.68 -9.55
N GLY A 133 8.40 12.33 -10.69
CA GLY A 133 8.76 13.72 -10.89
C GLY A 133 10.04 13.97 -11.65
N SER A 134 10.93 12.97 -11.74
CA SER A 134 12.26 13.15 -12.31
C SER A 134 12.64 11.91 -13.10
N GLN A 135 13.48 12.09 -14.12
CA GLN A 135 14.05 10.94 -14.81
C GLN A 135 14.80 10.05 -13.82
N ASP A 136 15.57 10.67 -12.91
CA ASP A 136 16.24 9.91 -11.86
C ASP A 136 15.24 9.11 -11.03
N TYR A 137 14.08 9.69 -10.75
CA TYR A 137 13.06 9.06 -9.92
C TYR A 137 11.89 8.55 -10.73
N LYS A 138 12.18 7.96 -11.89
CA LYS A 138 11.18 7.27 -12.71
C LYS A 138 11.61 5.82 -12.81
N TYR A 139 10.74 4.91 -12.36
CA TYR A 139 11.09 3.51 -12.17
C TYR A 139 10.33 2.62 -13.15
N ASP A 140 11.07 1.83 -13.93
CA ASP A 140 10.48 0.85 -14.84
C ASP A 140 10.76 -0.57 -14.34
N VAL A 141 10.34 -1.55 -15.14
CA VAL A 141 10.49 -2.94 -14.71
C VAL A 141 11.96 -3.31 -14.56
N THR A 142 12.84 -2.66 -15.33
CA THR A 142 14.27 -2.93 -15.22
C THR A 142 14.81 -2.48 -13.86
N ASP A 143 14.37 -1.32 -13.39
CA ASP A 143 14.77 -0.86 -12.06
C ASP A 143 14.37 -1.85 -10.99
N VAL A 144 13.15 -2.39 -11.10
CA VAL A 144 12.65 -3.31 -10.08
C VAL A 144 13.45 -4.61 -10.10
N SER A 145 13.79 -5.12 -11.29
CA SER A 145 14.64 -6.30 -11.31
C SER A 145 16.05 -5.99 -10.79
N LYS A 146 16.51 -4.74 -10.90
CA LYS A 146 17.80 -4.33 -10.35
C LYS A 146 17.76 -4.12 -8.84
N ALA A 147 16.61 -4.30 -8.20
CA ALA A 147 16.54 -4.40 -6.75
C ALA A 147 16.47 -5.84 -6.28
N GLY A 148 16.51 -6.80 -7.20
CA GLY A 148 16.52 -8.21 -6.84
C GLY A 148 15.24 -8.98 -7.11
N HIS A 149 14.20 -8.34 -7.63
CA HIS A 149 12.96 -9.04 -7.88
C HIS A 149 12.91 -9.56 -9.31
N THR A 150 12.05 -10.55 -9.54
CA THR A 150 12.00 -11.31 -10.79
C THR A 150 10.62 -11.14 -11.44
N LEU A 151 10.51 -11.64 -12.68
CA LEU A 151 9.26 -11.46 -13.42
C LEU A 151 8.08 -12.14 -12.73
N GLU A 152 8.33 -13.16 -11.90
CA GLU A 152 7.23 -13.83 -11.21
C GLU A 152 6.40 -12.83 -10.40
N LEU A 153 7.05 -11.80 -9.88
CA LEU A 153 6.41 -10.70 -9.19
C LEU A 153 6.10 -9.56 -10.15
N ILE A 154 7.04 -9.21 -11.03
CA ILE A 154 6.95 -7.97 -11.78
C ILE A 154 5.83 -8.01 -12.82
N GLU A 155 5.65 -9.13 -13.51
CA GLU A 155 4.59 -9.22 -14.51
C GLU A 155 3.21 -9.08 -13.87
N PRO A 156 2.85 -9.85 -12.83
CA PRO A 156 1.55 -9.59 -12.20
C PRO A 156 1.44 -8.21 -11.60
N LEU A 157 2.56 -7.64 -11.16
CA LEU A 157 2.55 -6.30 -10.56
C LEU A 157 2.17 -5.25 -11.59
N ILE A 158 2.76 -5.33 -12.79
CA ILE A 158 2.37 -4.41 -13.86
C ILE A 158 0.90 -4.61 -14.24
N LYS A 159 0.46 -5.86 -14.38
CA LYS A 159 -0.94 -6.12 -14.70
C LYS A 159 -1.87 -5.52 -13.65
N PHE A 160 -1.49 -5.62 -12.37
CA PHE A 160 -2.26 -4.99 -11.30
C PHE A 160 -2.32 -3.48 -11.48
N GLN A 161 -1.16 -2.84 -11.66
CA GLN A 161 -1.13 -1.39 -11.77
C GLN A 161 -1.97 -0.91 -12.93
N VAL A 162 -1.93 -1.65 -14.04
CA VAL A 162 -2.72 -1.29 -15.22
C VAL A 162 -4.21 -1.45 -14.92
N GLY A 163 -4.59 -2.59 -14.34
CA GLY A 163 -6.01 -2.82 -14.05
C GLY A 163 -6.56 -1.85 -13.02
N LEU A 164 -5.74 -1.48 -12.03
CA LEU A 164 -6.16 -0.48 -11.06
C LEU A 164 -6.29 0.89 -11.71
N LYS A 165 -5.32 1.26 -12.55
CA LYS A 165 -5.37 2.56 -13.22
C LYS A 165 -6.62 2.67 -14.09
N LYS A 166 -6.97 1.58 -14.80
CA LYS A 166 -8.14 1.61 -15.66
C LYS A 166 -9.44 1.79 -14.90
N LEU A 167 -9.46 1.53 -13.59
CA LEU A 167 -10.71 1.77 -12.87
C LEU A 167 -10.99 3.26 -12.70
N ASN A 168 -9.99 4.12 -12.91
N ASN A 168 -10.00 4.12 -12.95
CA ASN A 168 -10.17 5.56 -12.77
CA ASN A 168 -10.09 5.56 -12.75
C ASN A 168 -10.87 5.91 -11.46
C ASN A 168 -10.87 5.89 -11.47
N LEU A 169 -10.31 5.42 -10.36
CA LEU A 169 -10.94 5.59 -9.07
C LEU A 169 -11.02 7.06 -8.72
N HIS A 170 -12.14 7.48 -8.14
CA HIS A 170 -12.13 8.74 -7.41
C HIS A 170 -11.09 8.67 -6.31
N GLU A 171 -10.55 9.82 -5.92
CA GLU A 171 -9.62 9.81 -4.81
C GLU A 171 -10.30 9.27 -3.55
N GLU A 172 -11.60 9.53 -3.40
CA GLU A 172 -12.37 8.98 -2.30
C GLU A 172 -12.29 7.45 -2.26
N GLU A 173 -12.44 6.82 -3.44
CA GLU A 173 -12.39 5.36 -3.51
C GLU A 173 -10.96 4.83 -3.31
N HIS A 174 -9.98 5.55 -3.82
CA HIS A 174 -8.58 5.14 -3.65
C HIS A 174 -8.21 5.09 -2.16
N VAL A 175 -8.56 6.13 -1.40
CA VAL A 175 -8.18 6.14 0.01
C VAL A 175 -9.01 5.13 0.81
N LEU A 176 -10.29 4.92 0.42
CA LEU A 176 -11.11 3.89 1.07
C LEU A 176 -10.51 2.50 0.83
N LEU A 177 -10.01 2.24 -0.36
CA LEU A 177 -9.47 0.92 -0.66
C LEU A 177 -8.19 0.67 0.11
N MET A 178 -7.33 1.68 0.23
CA MET A 178 -6.15 1.56 1.09
C MET A 178 -6.55 1.24 2.53
N ALA A 179 -7.59 1.90 3.04
CA ALA A 179 -7.98 1.69 4.43
C ALA A 179 -8.59 0.30 4.63
N ILE A 180 -9.41 -0.15 3.66
CA ILE A 180 -9.98 -1.48 3.72
C ILE A 180 -8.89 -2.54 3.62
N CYS A 181 -7.91 -2.34 2.75
CA CYS A 181 -6.78 -3.25 2.67
C CYS A 181 -6.09 -3.43 4.04
N ILE A 182 -5.83 -2.32 4.72
CA ILE A 182 -5.12 -2.38 6.02
C ILE A 182 -5.95 -3.15 7.05
N VAL A 183 -7.24 -2.82 7.17
CA VAL A 183 -8.04 -3.38 8.26
C VAL A 183 -8.76 -4.64 7.78
N SER A 184 -8.00 -5.70 7.54
CA SER A 184 -8.56 -6.95 7.03
C SER A 184 -8.56 -8.02 8.12
N PRO A 185 -9.72 -8.61 8.46
CA PRO A 185 -9.77 -9.54 9.60
C PRO A 185 -9.14 -10.91 9.35
N ASP A 186 -8.86 -11.29 8.11
CA ASP A 186 -8.28 -12.60 7.85
C ASP A 186 -6.75 -12.57 7.76
N ARG A 187 -6.11 -11.47 8.17
CA ARG A 187 -4.66 -11.43 8.19
C ARG A 187 -4.13 -12.41 9.24
N PRO A 188 -2.99 -13.05 8.96
CA PRO A 188 -2.45 -14.03 9.90
C PRO A 188 -1.99 -13.37 11.21
N GLY A 189 -2.35 -14.00 12.33
CA GLY A 189 -1.96 -13.49 13.63
C GLY A 189 -2.91 -12.49 14.23
N VAL A 190 -4.00 -12.13 13.53
CA VAL A 190 -5.01 -11.28 14.12
C VAL A 190 -5.61 -11.99 15.34
N GLN A 191 -5.68 -11.27 16.45
CA GLN A 191 -6.34 -11.76 17.65
C GLN A 191 -7.83 -11.44 17.63
N ASP A 192 -8.18 -10.15 17.64
CA ASP A 192 -9.59 -9.72 17.75
C ASP A 192 -10.19 -9.54 16.36
N ALA A 193 -10.41 -10.67 15.69
CA ALA A 193 -10.88 -10.64 14.30
C ALA A 193 -12.27 -10.02 14.19
N LYS A 194 -13.09 -10.18 15.22
CA LYS A 194 -14.46 -9.66 15.17
C LYS A 194 -14.47 -8.15 15.16
N LEU A 195 -13.54 -7.53 15.92
CA LEU A 195 -13.45 -6.08 15.96
C LEU A 195 -12.83 -5.52 14.69
N VAL A 196 -11.75 -6.15 14.20
CA VAL A 196 -11.20 -5.78 12.89
C VAL A 196 -12.29 -5.84 11.82
N GLU A 197 -13.09 -6.91 11.83
CA GLU A 197 -14.16 -7.05 10.84
C GLU A 197 -15.20 -5.94 11.00
N ALA A 198 -15.55 -5.59 12.24
CA ALA A 198 -16.50 -4.51 12.48
C ALA A 198 -15.97 -3.18 11.94
N ILE A 199 -14.67 -2.91 12.12
CA ILE A 199 -14.08 -1.69 11.60
C ILE A 199 -14.07 -1.72 10.07
N GLN A 200 -13.70 -2.86 9.49
CA GLN A 200 -13.68 -2.93 8.03
C GLN A 200 -15.07 -2.75 7.45
N ASP A 201 -16.09 -3.32 8.09
CA ASP A 201 -17.43 -3.27 7.54
C ASP A 201 -17.95 -1.85 7.46
N ARG A 202 -17.58 -1.00 8.42
CA ARG A 202 -17.96 0.41 8.35
C ARG A 202 -17.35 1.07 7.13
N LEU A 203 -16.10 0.72 6.81
CA LEU A 203 -15.42 1.28 5.65
C LEU A 203 -15.98 0.69 4.36
N SER A 204 -16.25 -0.62 4.34
N SER A 204 -16.27 -0.62 4.35
CA SER A 204 -16.80 -1.26 3.15
CA SER A 204 -16.79 -1.26 3.15
C SER A 204 -18.17 -0.70 2.80
C SER A 204 -18.17 -0.73 2.79
N ASN A 205 -19.05 -0.57 3.79
CA ASN A 205 -20.37 0.00 3.54
C ASN A 205 -20.26 1.46 3.10
N THR A 206 -19.29 2.21 3.65
CA THR A 206 -19.04 3.57 3.16
C THR A 206 -18.68 3.57 1.68
N LEU A 207 -17.78 2.67 1.28
CA LEU A 207 -17.36 2.60 -0.13
C LEU A 207 -18.51 2.16 -1.02
N GLN A 208 -19.27 1.15 -0.60
CA GLN A 208 -20.38 0.68 -1.42
C GLN A 208 -21.42 1.78 -1.60
N THR A 209 -21.69 2.53 -0.53
CA THR A 209 -22.66 3.61 -0.62
C THR A 209 -22.11 4.80 -1.42
N TYR A 210 -20.80 5.07 -1.32
CA TYR A 210 -20.20 6.14 -2.11
C TYR A 210 -20.32 5.85 -3.60
N ILE A 211 -19.99 4.63 -4.00
CA ILE A 211 -20.10 4.23 -5.41
C ILE A 211 -21.54 4.42 -5.88
N ARG A 212 -22.49 3.89 -5.12
CA ARG A 212 -23.90 3.97 -5.52
C ARG A 212 -24.36 5.41 -5.66
N CYS A 213 -23.98 6.30 -4.73
CA CYS A 213 -24.53 7.65 -4.73
C CYS A 213 -23.69 8.67 -5.48
N ARG A 214 -22.40 8.43 -5.67
CA ARG A 214 -21.50 9.47 -6.18
C ARG A 214 -20.68 9.08 -7.39
N HIS A 215 -20.61 7.80 -7.75
CA HIS A 215 -19.88 7.42 -8.96
C HIS A 215 -20.86 7.20 -10.10
N PRO A 216 -20.86 8.03 -11.14
CA PRO A 216 -21.87 7.90 -12.18
C PRO A 216 -21.61 6.68 -13.06
N PRO A 217 -22.65 6.12 -13.66
CA PRO A 217 -22.43 5.12 -14.69
C PRO A 217 -21.87 5.77 -15.95
N PRO A 218 -21.14 5.02 -16.78
CA PRO A 218 -20.85 3.58 -16.72
C PRO A 218 -19.68 3.18 -15.81
N GLY A 219 -18.87 4.14 -15.36
CA GLY A 219 -17.70 3.82 -14.57
C GLY A 219 -18.01 3.08 -13.28
N SER A 220 -19.24 3.21 -12.77
CA SER A 220 -19.64 2.57 -11.53
C SER A 220 -19.96 1.09 -11.68
N HIS A 221 -20.05 0.58 -12.91
CA HIS A 221 -20.54 -0.77 -13.16
C HIS A 221 -19.70 -1.82 -12.45
N GLN A 222 -20.30 -2.50 -11.47
N GLN A 222 -20.31 -2.48 -11.46
CA GLN A 222 -19.61 -3.55 -10.69
CA GLN A 222 -19.62 -3.52 -10.66
C GLN A 222 -18.26 -3.02 -10.18
C GLN A 222 -18.26 -3.01 -10.19
N LEU A 223 -18.19 -1.74 -9.84
CA LEU A 223 -16.94 -1.18 -9.38
C LEU A 223 -16.53 -1.76 -8.03
N TYR A 224 -17.49 -1.96 -7.12
CA TYR A 224 -17.11 -2.51 -5.81
C TYR A 224 -16.47 -3.89 -5.96
N ALA A 225 -17.13 -4.77 -6.71
CA ALA A 225 -16.58 -6.11 -6.95
C ALA A 225 -15.22 -6.04 -7.62
N LYS A 226 -15.04 -5.07 -8.54
CA LYS A 226 -13.75 -4.93 -9.20
C LYS A 226 -12.68 -4.46 -8.23
N MET A 227 -13.05 -3.60 -7.28
CA MET A 227 -12.09 -3.13 -6.29
C MET A 227 -11.72 -4.26 -5.32
N ILE A 228 -12.69 -5.08 -4.96
CA ILE A 228 -12.37 -6.21 -4.08
C ILE A 228 -11.49 -7.21 -4.81
N GLN A 229 -11.74 -7.42 -6.12
CA GLN A 229 -10.85 -8.27 -6.90
C GLN A 229 -9.41 -7.77 -6.83
N LYS A 230 -9.21 -6.45 -6.81
CA LYS A 230 -7.86 -5.91 -6.69
C LYS A 230 -7.24 -6.27 -5.34
N LEU A 231 -8.06 -6.29 -4.28
CA LEU A 231 -7.55 -6.73 -2.99
C LEU A 231 -7.13 -8.20 -3.04
N ALA A 232 -7.87 -9.02 -3.78
CA ALA A 232 -7.45 -10.40 -3.98
C ALA A 232 -6.14 -10.47 -4.74
N ASP A 233 -5.97 -9.65 -5.79
CA ASP A 233 -4.72 -9.63 -6.53
C ASP A 233 -3.56 -9.29 -5.61
N LEU A 234 -3.79 -8.36 -4.67
CA LEU A 234 -2.72 -7.93 -3.76
C LEU A 234 -2.30 -9.03 -2.81
N ARG A 235 -3.23 -9.89 -2.40
CA ARG A 235 -2.84 -11.04 -1.58
C ARG A 235 -1.86 -11.92 -2.32
N SER A 236 -2.13 -12.18 -3.61
CA SER A 236 -1.21 -13.00 -4.40
C SER A 236 0.13 -12.29 -4.59
N LEU A 237 0.10 -10.98 -4.85
CA LEU A 237 1.34 -10.21 -4.97
C LEU A 237 2.10 -10.22 -3.64
N ASN A 238 1.38 -10.09 -2.52
CA ASN A 238 2.01 -10.11 -1.21
C ASN A 238 2.77 -11.42 -1.00
N GLU A 239 2.11 -12.54 -1.31
CA GLU A 239 2.74 -13.85 -1.16
C GLU A 239 4.01 -13.97 -2.00
N GLU A 240 3.97 -13.51 -3.25
CA GLU A 240 5.16 -13.64 -4.10
C GLU A 240 6.26 -12.69 -3.63
N HIS A 241 5.88 -11.49 -3.20
CA HIS A 241 6.89 -10.57 -2.67
C HIS A 241 7.61 -11.17 -1.47
N SER A 242 6.87 -11.82 -0.57
CA SER A 242 7.50 -12.35 0.63
C SER A 242 8.45 -13.50 0.28
N LYS A 243 8.07 -14.34 -0.69
CA LYS A 243 8.97 -15.36 -1.22
C LYS A 243 10.27 -14.73 -1.69
N GLN A 244 10.18 -13.74 -2.59
CA GLN A 244 11.37 -13.15 -3.17
C GLN A 244 12.16 -12.36 -2.13
N TYR A 245 11.46 -11.68 -1.22
CA TYR A 245 12.15 -11.01 -0.12
C TYR A 245 12.97 -11.99 0.69
N ARG A 246 12.39 -13.15 1.02
CA ARG A 246 13.10 -14.14 1.83
C ARG A 246 14.36 -14.64 1.12
N SER A 247 14.25 -14.95 -0.17
N SER A 247 14.25 -14.95 -0.17
CA SER A 247 15.42 -15.37 -0.94
CA SER A 247 15.42 -15.36 -0.93
C SER A 247 16.45 -14.24 -1.00
C SER A 247 16.45 -14.24 -1.00
N LEU A 248 15.97 -13.00 -1.15
CA LEU A 248 16.86 -11.85 -1.18
C LEU A 248 17.57 -11.66 0.16
N SER A 249 16.80 -11.59 1.24
CA SER A 249 17.35 -11.25 2.55
C SER A 249 18.07 -12.41 3.21
N PHE A 250 17.89 -13.66 2.74
CA PHE A 250 18.69 -14.77 3.25
C PHE A 250 20.17 -14.52 3.05
N GLN A 251 20.54 -13.79 2.00
CA GLN A 251 21.94 -13.47 1.76
C GLN A 251 22.31 -12.25 2.58
N PRO A 252 23.25 -12.36 3.51
CA PRO A 252 23.60 -11.20 4.35
C PRO A 252 24.13 -10.00 3.57
N GLU A 253 24.85 -10.23 2.47
CA GLU A 253 25.29 -9.11 1.64
C GLU A 253 24.11 -8.25 1.18
N ASN A 254 22.96 -8.88 0.88
CA ASN A 254 21.78 -8.12 0.49
C ASN A 254 21.10 -7.47 1.69
N SER A 255 20.96 -8.20 2.79
CA SER A 255 20.32 -7.64 3.98
C SER A 255 21.05 -6.40 4.49
N MET A 256 22.37 -6.30 4.24
CA MET A 256 23.14 -5.13 4.67
C MET A 256 22.68 -3.85 4.00
N LYS A 257 22.08 -3.96 2.81
CA LYS A 257 21.63 -2.80 2.05
C LYS A 257 20.20 -2.41 2.40
N LEU A 258 19.50 -3.22 3.19
CA LEU A 258 18.14 -2.90 3.59
C LEU A 258 18.18 -1.84 4.70
N THR A 259 17.01 -1.44 5.19
CA THR A 259 16.97 -0.49 6.30
C THR A 259 16.51 -1.21 7.56
N PRO A 260 16.74 -0.65 8.75
CA PRO A 260 16.23 -1.33 9.94
C PRO A 260 14.71 -1.47 9.98
N LEU A 261 13.98 -0.47 9.49
CA LEU A 261 12.52 -0.58 9.46
C LEU A 261 12.06 -1.69 8.51
N VAL A 262 12.66 -1.77 7.32
CA VAL A 262 12.32 -2.83 6.36
C VAL A 262 12.56 -4.20 6.97
N LEU A 263 13.68 -4.37 7.69
CA LEU A 263 13.97 -5.64 8.33
C LEU A 263 12.93 -5.98 9.39
N GLU A 264 12.53 -4.98 10.19
CA GLU A 264 11.52 -5.24 11.20
C GLU A 264 10.18 -5.61 10.57
N VAL A 265 9.81 -4.94 9.49
CA VAL A 265 8.47 -5.16 8.94
C VAL A 265 8.43 -6.44 8.10
N PHE A 266 9.36 -6.59 7.17
CA PHE A 266 9.31 -7.74 6.28
C PHE A 266 10.08 -8.95 6.79
N GLY A 267 10.88 -8.80 7.84
CA GLY A 267 11.47 -9.95 8.48
C GLY A 267 12.99 -9.97 8.32
N ASN A 268 13.62 -10.75 9.20
CA ASN A 268 15.07 -10.93 9.19
C ASN A 268 15.46 -12.30 8.65
N ASN B 2 10.37 -6.63 20.42
CA ASN B 2 9.85 -7.37 19.26
C ASN B 2 9.74 -6.46 18.02
N HIS B 3 8.84 -5.49 18.05
CA HIS B 3 8.64 -4.57 16.92
C HIS B 3 8.76 -3.12 17.41
N PRO B 4 9.93 -2.75 17.94
CA PRO B 4 10.04 -1.45 18.63
C PRO B 4 9.85 -0.26 17.72
N MET B 5 10.30 -0.34 16.46
CA MET B 5 10.16 0.81 15.57
C MET B 5 8.72 0.95 15.06
N LEU B 6 8.09 -0.17 14.71
CA LEU B 6 6.66 -0.14 14.40
C LEU B 6 5.87 0.41 15.58
N MET B 7 6.16 -0.10 16.78
CA MET B 7 5.40 0.32 17.95
C MET B 7 5.60 1.82 18.21
N ASN B 8 6.81 2.33 17.99
CA ASN B 8 7.09 3.75 18.21
C ASN B 8 6.43 4.63 17.15
N LEU B 9 6.39 4.17 15.89
CA LEU B 9 5.70 4.94 14.87
C LEU B 9 4.18 4.89 15.05
N LEU B 10 3.67 3.93 15.82
CA LEU B 10 2.23 3.80 16.04
C LEU B 10 1.73 4.60 17.23
N LYS B 11 2.61 5.05 18.11
CA LYS B 11 2.19 5.66 19.39
C LYS B 11 1.54 7.02 19.19
C13 A1MAU C . 6.98 2.28 -5.26
C15 A1MAU C . 10.83 -1.97 -4.09
C17 A1MAU C . 11.11 -3.93 -2.62
C20 A1MAU C . 6.20 2.37 -4.10
C21 A1MAU C . 5.57 3.59 -3.74
C22 A1MAU C . 5.72 4.71 -4.56
C24 A1MAU C . 7.10 3.39 -6.11
C28 A1MAU C . 5.38 7.03 -4.93
B02 A1MAU C . 7.57 -0.31 -4.40
B04 A1MAU C . 8.99 0.18 -5.35
B05 A1MAU C . 8.45 0.58 -6.98
B06 A1MAU C . 7.78 -0.90 -7.73
B07 A1MAU C . 6.70 0.32 -7.06
B08 A1MAU C . 6.16 -0.21 -5.45
B09 A1MAU C . 6.89 -1.78 -5.13
B10 A1MAU C . 7.89 -2.20 -6.55
B11 A1MAU C . 6.36 -1.38 -6.77
B12 A1MAU C . 9.19 -1.00 -6.68
C01 A1MAU C . 7.46 0.88 -5.63
C03 A1MAU C . 8.58 -1.47 -5.15
C14 A1MAU C . 9.47 -2.32 -4.27
C16 A1MAU C . 11.63 -2.78 -3.25
C18 A1MAU C . 9.75 -4.24 -2.80
C19 A1MAU C . 8.95 -3.44 -3.61
C23 A1MAU C . 6.48 4.62 -5.76
C25 A1MAU C . 11.96 -4.79 -1.66
C29 A1MAU C . 6.75 7.56 -4.43
C30 A1MAU C . 6.93 7.31 -2.92
C31 A1MAU C . 5.90 8.15 -2.12
C34 A1MAU C . 13.48 -4.73 -2.03
C38 A1MAU C . 11.77 -4.19 -0.24
C42 A1MAU C . 4.72 3.70 -2.41
F35 A1MAU C . 13.57 -5.11 -3.32
F36 A1MAU C . 14.04 -3.47 -1.83
F37 A1MAU C . 14.14 -5.63 -1.29
F39 A1MAU C . 12.15 -2.87 -0.18
F40 A1MAU C . 10.47 -4.37 0.12
F41 A1MAU C . 12.52 -4.87 0.66
O26 A1MAU C . 11.51 -6.13 -1.57
O27 A1MAU C . 5.05 5.91 -4.13
O32 A1MAU C . 5.11 7.55 -1.34
O33 A1MAU C . 5.82 9.42 -2.25
#